data_5XPL
#
_entry.id   5XPL
#
_cell.length_a   128.780
_cell.length_b   44.910
_cell.length_c   45.520
_cell.angle_alpha   90.00
_cell.angle_beta   93.62
_cell.angle_gamma   90.00
#
_symmetry.space_group_name_H-M   'C 1 2 1'
#
loop_
_entity.id
_entity.type
_entity.pdbx_description
1 polymer 'Vitamin D3 receptor'
2 polymer 'Nuclear receptor coactivator 2'
3 non-polymer '(4~{S})-4-[(1~{R})-1-[(1~{R},3~{a}~{S},4~{E},7~{a}~{R})-7~{a}-methyl-4-[2-[(3~{R},5~{R})-4-methylidene-3,5-bis(oxidanyl )cyclohexylidene]ethylidene]-2,3,3~{a},5,6,7-hexahydro-1~{H}-inden-1-yl]ethyl]-1-(4-hydroxyphenyl)octan-1-one'
4 water water
#
loop_
_entity_poly.entity_id
_entity_poly.type
_entity_poly.pdbx_seq_one_letter_code
_entity_poly.pdbx_strand_id
1 'polypeptide(L)'
;GSHMGSPNSPLKDSLRPKLSEEQQHIIAILLDAHHKTYDPTYADFRDFRPPVRMDGSTGSVTLDLSPLSMLPHLADLVSY
SIQKVIGFAKMIPGFRDLTSDDQIVLLKSSAIEVIMLRSNQSFTMDDMSWDCGSQDYKYDVTDVSKAGHTLELIEPLIKF
QVGLKKLNLHEEEHVLLMAICIVSPDRPGVQDAKLVEAIQDRLSNTLQTYIRCRHPPPGSHQLYAKMIQKLADLRSLNEE
HSKQYRSLSFQPENSMKLTPLVLEVFGNEIS
;
A
2 'polypeptide(L)' KENALLRYLLDKD C
#
# COMPACT_ATOMS: atom_id res chain seq x y z
N LYS A 18 14.34 0.42 26.01
CA LYS A 18 13.00 -0.14 25.64
C LYS A 18 13.08 -0.82 24.29
N LEU A 19 13.36 -0.04 23.25
CA LEU A 19 13.66 -0.62 21.94
C LEU A 19 15.08 -1.14 21.95
N SER A 20 15.24 -2.41 21.69
CA SER A 20 16.54 -3.01 21.50
C SER A 20 17.21 -2.41 20.24
N GLU A 21 18.51 -2.57 20.15
CA GLU A 21 19.21 -2.06 19.00
C GLU A 21 18.68 -2.72 17.74
N GLU A 22 18.34 -4.00 17.79
CA GLU A 22 17.78 -4.65 16.60
C GLU A 22 16.42 -4.06 16.15
N GLN A 23 15.54 -3.76 17.11
CA GLN A 23 14.27 -3.11 16.80
C GLN A 23 14.53 -1.68 16.21
N GLN A 24 15.53 -1.00 16.72
CA GLN A 24 15.82 0.34 16.23
C GLN A 24 16.37 0.25 14.83
N HIS A 25 17.18 -0.77 14.60
N HIS A 25 17.20 -0.75 14.56
CA HIS A 25 17.81 -1.00 13.29
CA HIS A 25 17.80 -0.90 13.22
C HIS A 25 16.74 -1.28 12.21
C HIS A 25 16.69 -1.23 12.18
N ILE A 26 15.73 -2.05 12.58
CA ILE A 26 14.57 -2.29 11.73
C ILE A 26 13.83 -1.04 11.35
N ILE A 27 13.54 -0.21 12.32
CA ILE A 27 12.88 1.05 12.05
C ILE A 27 13.72 1.97 11.16
N ALA A 28 15.01 2.12 11.48
CA ALA A 28 15.93 2.98 10.70
C ALA A 28 15.93 2.58 9.21
N ILE A 29 16.07 1.29 8.98
CA ILE A 29 15.98 0.73 7.63
C ILE A 29 14.64 1.05 6.94
N LEU A 30 13.56 0.83 7.67
CA LEU A 30 12.21 1.11 7.08
C LEU A 30 11.95 2.59 6.82
N LEU A 31 12.42 3.47 7.74
CA LEU A 31 12.34 4.92 7.50
C LEU A 31 13.11 5.29 6.26
N ASP A 32 14.30 4.72 6.11
CA ASP A 32 15.14 5.08 4.95
C ASP A 32 14.54 4.54 3.65
N ALA A 33 13.97 3.35 3.73
CA ALA A 33 13.26 2.75 2.58
C ALA A 33 12.08 3.63 2.06
N HIS A 34 11.26 4.09 2.99
CA HIS A 34 10.15 5.01 2.69
C HIS A 34 10.66 6.33 2.10
N HIS A 35 11.64 6.95 2.75
CA HIS A 35 12.21 8.19 2.25
C HIS A 35 12.75 8.04 0.83
N LYS A 36 13.35 6.89 0.52
CA LYS A 36 13.86 6.67 -0.84
C LYS A 36 12.74 6.43 -1.86
N THR A 37 11.59 5.97 -1.39
CA THR A 37 10.49 5.57 -2.30
C THR A 37 9.24 6.44 -2.30
N TYR A 38 9.23 7.51 -1.51
CA TYR A 38 8.09 8.43 -1.51
C TYR A 38 8.67 9.84 -1.61
N ASP A 39 8.34 10.50 -2.72
CA ASP A 39 8.73 11.87 -3.03
C ASP A 39 7.53 12.79 -2.78
N PRO A 40 7.54 13.56 -1.66
CA PRO A 40 6.46 14.43 -1.28
C PRO A 40 6.37 15.69 -2.15
N THR A 41 7.27 15.90 -3.10
CA THR A 41 7.03 16.95 -4.11
C THR A 41 6.10 16.52 -5.21
N TYR A 42 5.97 15.20 -5.42
CA TYR A 42 5.13 14.63 -6.52
C TYR A 42 5.52 15.13 -7.94
N ALA A 43 6.77 15.51 -8.14
CA ALA A 43 7.26 16.02 -9.44
C ALA A 43 7.11 15.01 -10.57
N ASP A 44 7.24 13.71 -10.26
CA ASP A 44 7.14 12.64 -11.25
C ASP A 44 5.72 12.56 -11.85
N PHE A 45 4.73 13.12 -11.17
CA PHE A 45 3.34 13.12 -11.67
C PHE A 45 3.21 13.88 -12.99
N ARG A 46 4.10 14.82 -13.24
CA ARG A 46 4.13 15.55 -14.46
C ARG A 46 4.40 14.64 -15.67
N ASP A 47 4.98 13.46 -15.47
CA ASP A 47 5.30 12.56 -16.62
C ASP A 47 4.18 11.56 -16.96
N PHE A 48 3.12 11.54 -16.15
CA PHE A 48 1.95 10.72 -16.35
C PHE A 48 1.15 11.26 -17.53
N ARG A 49 0.37 10.35 -18.16
CA ARG A 49 -0.73 10.85 -18.99
C ARG A 49 -1.53 11.80 -18.13
N PRO A 50 -1.88 12.98 -18.71
CA PRO A 50 -2.54 14.04 -17.97
C PRO A 50 -3.92 13.72 -17.48
N PRO A 51 -4.29 14.32 -16.36
CA PRO A 51 -5.61 14.11 -15.87
C PRO A 51 -6.59 14.89 -16.79
N VAL A 52 -7.81 14.38 -16.95
CA VAL A 52 -8.85 14.95 -17.83
C VAL A 52 -10.15 14.86 -17.04
N ARG A 53 -10.69 16.02 -16.68
CA ARG A 53 -11.97 16.14 -16.01
C ARG A 53 -12.90 17.03 -16.84
N MET A 54 -13.99 16.44 -17.31
CA MET A 54 -15.02 17.17 -18.06
C MET A 54 -16.16 17.62 -17.13
N SER A 66 -13.09 9.78 -22.48
CA SER A 66 -14.34 9.62 -21.73
C SER A 66 -15.11 8.34 -22.17
N PRO A 67 -16.09 7.87 -21.36
CA PRO A 67 -16.46 8.45 -20.06
C PRO A 67 -15.36 8.33 -18.99
N LEU A 68 -14.55 7.27 -19.04
CA LEU A 68 -13.44 7.10 -18.11
C LEU A 68 -12.25 8.00 -18.47
N SER A 69 -12.44 9.30 -18.28
CA SER A 69 -11.44 10.26 -18.67
C SER A 69 -10.19 10.29 -17.71
N MET A 70 -10.37 9.86 -16.45
CA MET A 70 -9.28 9.86 -15.47
C MET A 70 -8.50 8.56 -15.43
N LEU A 71 -8.91 7.57 -16.22
CA LEU A 71 -8.33 6.26 -16.13
C LEU A 71 -6.87 6.21 -16.62
N PRO A 72 -6.54 6.86 -17.76
CA PRO A 72 -5.09 6.90 -18.09
C PRO A 72 -4.21 7.53 -16.97
N HIS A 73 -4.57 8.67 -16.45
CA HIS A 73 -3.79 9.32 -15.43
C HIS A 73 -3.72 8.46 -14.16
N LEU A 74 -4.87 7.96 -13.73
CA LEU A 74 -4.91 7.16 -12.52
C LEU A 74 -4.25 5.78 -12.68
N ALA A 75 -4.24 5.23 -13.92
CA ALA A 75 -3.58 4.01 -14.20
C ALA A 75 -2.08 4.26 -14.12
N ASP A 76 -1.62 5.40 -14.62
CA ASP A 76 -0.19 5.70 -14.48
C ASP A 76 0.25 5.90 -13.02
N LEU A 77 -0.58 6.59 -12.27
CA LEU A 77 -0.35 6.77 -10.84
C LEU A 77 -0.25 5.42 -10.06
N VAL A 78 -1.17 4.51 -10.34
CA VAL A 78 -1.13 3.17 -9.73
C VAL A 78 0.15 2.41 -10.16
N SER A 79 0.48 2.47 -11.46
CA SER A 79 1.65 1.77 -12.00
C SER A 79 2.93 2.25 -11.29
N TYR A 80 3.10 3.56 -11.27
CA TYR A 80 4.18 4.20 -10.58
C TYR A 80 4.26 3.77 -9.08
N SER A 81 3.10 3.73 -8.43
CA SER A 81 3.01 3.40 -7.02
C SER A 81 3.36 1.93 -6.79
N ILE A 82 2.96 1.09 -7.70
CA ILE A 82 3.38 -0.33 -7.57
C ILE A 82 4.93 -0.45 -7.57
N GLN A 83 5.61 0.28 -8.47
CA GLN A 83 7.05 0.31 -8.50
C GLN A 83 7.67 0.77 -7.20
N LYS A 84 7.07 1.77 -6.58
CA LYS A 84 7.56 2.31 -5.34
C LYS A 84 7.38 1.26 -4.24
N VAL A 85 6.26 0.55 -4.27
CA VAL A 85 5.95 -0.48 -3.26
C VAL A 85 6.98 -1.64 -3.41
N ILE A 86 7.29 -2.02 -4.64
CA ILE A 86 8.30 -3.03 -4.88
C ILE A 86 9.64 -2.57 -4.24
N GLY A 87 10.05 -1.31 -4.48
CA GLY A 87 11.26 -0.72 -3.93
C GLY A 87 11.30 -0.84 -2.40
N PHE A 88 10.20 -0.47 -1.79
CA PHE A 88 10.07 -0.45 -0.37
C PHE A 88 10.21 -1.89 0.15
N ALA A 89 9.42 -2.82 -0.41
CA ALA A 89 9.45 -4.23 -0.04
C ALA A 89 10.82 -4.84 -0.09
N LYS A 90 11.57 -4.57 -1.16
CA LYS A 90 12.98 -5.06 -1.28
C LYS A 90 13.95 -4.64 -0.17
N MET A 91 13.64 -3.57 0.55
CA MET A 91 14.44 -3.09 1.68
C MET A 91 13.93 -3.63 3.02
N ILE A 92 12.79 -4.31 3.02
CA ILE A 92 12.27 -4.88 4.27
C ILE A 92 13.21 -6.00 4.69
N PRO A 93 13.80 -5.87 5.87
CA PRO A 93 14.77 -6.90 6.32
C PRO A 93 14.20 -8.32 6.20
N GLY A 94 14.91 -9.19 5.49
CA GLY A 94 14.51 -10.57 5.22
C GLY A 94 13.60 -10.84 4.04
N PHE A 95 12.89 -9.82 3.55
CA PHE A 95 12.04 -10.00 2.39
C PHE A 95 12.78 -10.61 1.16
N ARG A 96 13.94 -10.05 0.84
CA ARG A 96 14.77 -10.60 -0.25
C ARG A 96 15.25 -12.01 -0.06
N ASP A 97 15.24 -12.49 1.17
CA ASP A 97 15.71 -13.86 1.52
C ASP A 97 14.66 -14.90 1.21
N LEU A 98 13.42 -14.44 0.96
CA LEU A 98 12.32 -15.33 0.64
C LEU A 98 12.54 -15.79 -0.80
N THR A 99 11.87 -16.87 -1.19
CA THR A 99 11.91 -17.26 -2.58
C THR A 99 11.25 -16.16 -3.44
N SER A 100 11.69 -16.06 -4.69
CA SER A 100 11.10 -15.16 -5.64
C SER A 100 9.63 -15.39 -5.78
N ASP A 101 9.20 -16.66 -5.74
CA ASP A 101 7.78 -16.98 -5.92
C ASP A 101 6.98 -16.40 -4.75
N ASP A 102 7.52 -16.52 -3.55
CA ASP A 102 6.84 -15.96 -2.38
C ASP A 102 6.90 -14.45 -2.38
N GLN A 103 7.98 -13.84 -2.86
CA GLN A 103 8.05 -12.40 -3.00
C GLN A 103 6.96 -11.88 -3.98
N ILE A 104 6.83 -12.55 -5.12
CA ILE A 104 5.81 -12.27 -6.14
C ILE A 104 4.36 -12.39 -5.57
N VAL A 105 4.01 -13.51 -4.93
CA VAL A 105 2.63 -13.64 -4.36
C VAL A 105 2.38 -12.55 -3.30
N LEU A 106 3.38 -12.26 -2.47
CA LEU A 106 3.17 -11.31 -1.40
C LEU A 106 2.87 -9.93 -1.98
N LEU A 107 3.66 -9.55 -2.99
CA LEU A 107 3.44 -8.28 -3.69
C LEU A 107 2.17 -8.20 -4.52
N LYS A 108 1.87 -9.22 -5.32
CA LYS A 108 0.58 -9.22 -6.05
C LYS A 108 -0.67 -9.08 -5.12
N SER A 109 -0.65 -9.74 -3.98
CA SER A 109 -1.77 -9.68 -3.06
C SER A 109 -1.81 -8.34 -2.29
N SER A 110 -0.64 -7.85 -1.87
CA SER A 110 -0.58 -6.69 -0.97
C SER A 110 -0.52 -5.35 -1.68
N ALA A 111 -0.18 -5.30 -2.97
CA ALA A 111 0.19 -3.99 -3.59
C ALA A 111 -0.90 -2.91 -3.44
N ILE A 112 -2.14 -3.25 -3.75
CA ILE A 112 -3.19 -2.25 -3.65
C ILE A 112 -3.40 -1.79 -2.20
N GLU A 113 -3.30 -2.71 -1.23
CA GLU A 113 -3.41 -2.32 0.16
C GLU A 113 -2.30 -1.35 0.56
N VAL A 114 -1.05 -1.64 0.20
CA VAL A 114 0.05 -0.72 0.57
C VAL A 114 -0.11 0.63 -0.12
N ILE A 115 -0.59 0.64 -1.35
CA ILE A 115 -0.87 1.89 -2.06
C ILE A 115 -1.93 2.66 -1.27
N MET A 116 -3.00 1.98 -0.82
CA MET A 116 -4.06 2.69 -0.05
C MET A 116 -3.48 3.31 1.22
N LEU A 117 -2.64 2.54 1.93
CA LEU A 117 -1.92 3.00 3.14
C LEU A 117 -0.99 4.15 2.91
N ARG A 118 -0.13 4.00 1.91
CA ARG A 118 0.88 5.07 1.62
C ARG A 118 0.24 6.38 1.18
N SER A 119 -0.92 6.26 0.51
CA SER A 119 -1.70 7.36 -0.02
C SER A 119 -2.28 8.25 1.06
N ASN A 120 -2.35 7.73 2.29
CA ASN A 120 -2.80 8.53 3.41
C ASN A 120 -1.95 9.78 3.66
N GLN A 121 -0.63 9.69 3.39
CA GLN A 121 0.23 10.85 3.35
C GLN A 121 -0.28 12.04 2.48
N SER A 122 -0.86 11.80 1.30
CA SER A 122 -1.46 12.89 0.48
C SER A 122 -2.89 13.20 0.87
N PHE A 123 -3.56 12.29 1.56
CA PHE A 123 -4.99 12.44 1.82
C PHE A 123 -5.21 13.65 2.75
N THR A 124 -6.25 14.46 2.45
CA THR A 124 -6.58 15.65 3.24
C THR A 124 -8.03 15.56 3.74
N MET A 125 -8.20 15.73 5.05
CA MET A 125 -9.52 15.60 5.71
C MET A 125 -10.51 16.70 5.31
N ASP A 126 -10.04 17.92 5.12
CA ASP A 126 -10.93 19.06 4.86
C ASP A 126 -11.73 18.92 3.55
N ASP A 127 -11.09 18.34 2.52
CA ASP A 127 -11.69 18.13 1.22
C ASP A 127 -12.08 16.68 0.94
N MET A 128 -11.65 15.73 1.78
CA MET A 128 -11.83 14.31 1.46
C MET A 128 -11.22 13.93 0.11
N SER A 129 -10.02 14.42 -0.14
CA SER A 129 -9.36 14.21 -1.41
C SER A 129 -7.89 13.91 -1.18
N TRP A 130 -7.23 13.40 -2.20
CA TRP A 130 -5.80 13.21 -2.13
C TRP A 130 -5.18 14.38 -2.86
N ASP A 131 -4.50 15.25 -2.13
CA ASP A 131 -3.95 16.47 -2.63
C ASP A 131 -2.46 16.23 -2.92
N CYS A 132 -2.09 16.21 -4.21
CA CYS A 132 -0.67 16.01 -4.62
C CYS A 132 -0.02 17.27 -5.18
N GLY A 133 -0.38 18.41 -4.61
CA GLY A 133 0.43 19.62 -4.71
C GLY A 133 -0.13 20.61 -5.66
N SER A 134 -1.21 20.26 -6.33
CA SER A 134 -1.81 21.15 -7.31
C SER A 134 -3.26 20.77 -7.61
N GLN A 135 -4.02 21.75 -8.06
CA GLN A 135 -5.42 21.54 -8.42
C GLN A 135 -5.56 20.41 -9.45
N ASP A 136 -4.68 20.38 -10.43
CA ASP A 136 -4.71 19.34 -11.45
C ASP A 136 -4.40 17.96 -10.83
N TYR A 137 -3.56 17.92 -9.79
CA TYR A 137 -3.11 16.64 -9.19
C TYR A 137 -3.75 16.43 -7.81
N LYS A 138 -5.06 16.64 -7.75
CA LYS A 138 -5.81 16.62 -6.52
C LYS A 138 -6.99 15.74 -6.79
N TYR A 139 -7.11 14.60 -6.13
CA TYR A 139 -8.06 13.62 -6.59
C TYR A 139 -9.18 13.41 -5.59
N ASP A 140 -10.41 13.46 -6.11
CA ASP A 140 -11.62 13.38 -5.32
C ASP A 140 -12.48 12.18 -5.75
N VAL A 141 -13.62 11.97 -5.07
CA VAL A 141 -14.48 10.84 -5.30
C VAL A 141 -14.85 10.83 -6.79
N THR A 142 -15.23 11.96 -7.35
CA THR A 142 -15.64 11.98 -8.76
C THR A 142 -14.50 11.58 -9.71
N ASP A 143 -13.28 12.00 -9.42
CA ASP A 143 -12.10 11.63 -10.25
C ASP A 143 -11.83 10.12 -10.25
N VAL A 144 -11.89 9.53 -9.06
CA VAL A 144 -11.75 8.07 -8.95
C VAL A 144 -12.84 7.36 -9.76
N SER A 145 -14.10 7.85 -9.68
CA SER A 145 -15.20 7.21 -10.45
C SER A 145 -14.96 7.32 -11.98
N LYS A 146 -14.37 8.44 -12.39
CA LYS A 146 -13.93 8.60 -13.80
C LYS A 146 -12.78 7.68 -14.18
N ALA A 147 -12.28 6.89 -13.23
CA ALA A 147 -11.29 5.90 -13.58
C ALA A 147 -11.92 4.56 -13.70
N GLY A 148 -13.24 4.51 -13.50
CA GLY A 148 -13.98 3.34 -13.81
C GLY A 148 -14.36 2.57 -12.54
N HIS A 149 -14.33 3.26 -11.39
CA HIS A 149 -14.61 2.62 -10.14
C HIS A 149 -15.94 3.03 -9.59
N THR A 150 -16.56 2.07 -8.93
CA THR A 150 -17.89 2.19 -8.39
C THR A 150 -17.91 3.09 -7.14
N LEU A 151 -18.95 3.93 -7.03
CA LEU A 151 -19.13 4.75 -5.81
C LEU A 151 -19.24 3.88 -4.57
N GLU A 152 -19.89 2.74 -4.71
CA GLU A 152 -20.06 1.85 -3.58
C GLU A 152 -18.72 1.35 -3.05
N LEU A 153 -17.75 1.15 -3.92
CA LEU A 153 -16.40 0.71 -3.51
C LEU A 153 -15.54 1.88 -3.00
N ILE A 154 -15.71 3.06 -3.60
CA ILE A 154 -14.93 4.25 -3.23
C ILE A 154 -15.26 4.79 -1.86
N GLU A 155 -16.54 4.76 -1.48
CA GLU A 155 -16.94 5.29 -0.17
C GLU A 155 -16.20 4.66 1.03
N PRO A 156 -16.14 3.31 1.14
CA PRO A 156 -15.34 2.68 2.22
C PRO A 156 -13.87 3.10 2.17
N LEU A 157 -13.32 3.32 0.96
CA LEU A 157 -11.93 3.75 0.81
C LEU A 157 -11.73 5.14 1.47
N ILE A 158 -12.62 6.09 1.16
CA ILE A 158 -12.60 7.42 1.83
C ILE A 158 -12.75 7.25 3.34
N LYS A 159 -13.70 6.41 3.75
CA LYS A 159 -13.94 6.18 5.20
C LYS A 159 -12.67 5.64 5.86
N PHE A 160 -12.08 4.66 5.20
CA PHE A 160 -10.81 4.15 5.65
C PHE A 160 -9.77 5.25 5.87
N GLN A 161 -9.62 6.09 4.84
CA GLN A 161 -8.63 7.15 4.88
C GLN A 161 -8.88 8.14 6.04
N VAL A 162 -10.13 8.43 6.29
CA VAL A 162 -10.48 9.31 7.39
C VAL A 162 -10.09 8.72 8.71
N GLY A 163 -10.53 7.47 8.96
CA GLY A 163 -10.19 6.73 10.17
C GLY A 163 -8.65 6.60 10.41
N LEU A 164 -7.92 6.29 9.34
CA LEU A 164 -6.44 6.21 9.44
C LEU A 164 -5.85 7.54 9.82
N LYS A 165 -6.39 8.58 9.21
CA LYS A 165 -5.84 9.91 9.38
C LYS A 165 -6.03 10.37 10.83
N LYS A 166 -7.19 10.04 11.37
CA LYS A 166 -7.51 10.32 12.79
C LYS A 166 -6.60 9.65 13.82
N LEU A 167 -5.93 8.55 13.43
CA LEU A 167 -5.00 7.90 14.34
C LEU A 167 -3.78 8.77 14.51
N ASN A 168 -3.49 9.62 13.53
CA ASN A 168 -2.35 10.51 13.61
C ASN A 168 -1.04 9.75 14.00
N LEU A 169 -0.67 8.75 13.19
CA LEU A 169 0.50 7.89 13.48
C LEU A 169 1.79 8.56 13.22
N HIS A 170 2.81 8.13 13.96
CA HIS A 170 4.16 8.55 13.66
C HIS A 170 4.58 7.87 12.36
N GLU A 171 5.59 8.40 11.72
CA GLU A 171 6.11 7.80 10.51
C GLU A 171 6.72 6.41 10.79
N GLU A 172 7.35 6.23 11.93
CA GLU A 172 7.83 4.91 12.39
C GLU A 172 6.71 3.86 12.38
N GLU A 173 5.53 4.23 12.87
CA GLU A 173 4.41 3.32 12.89
C GLU A 173 3.88 3.07 11.48
N HIS A 174 3.79 4.13 10.70
CA HIS A 174 3.34 4.08 9.34
C HIS A 174 4.21 3.10 8.54
N VAL A 175 5.52 3.18 8.66
CA VAL A 175 6.34 2.31 7.78
C VAL A 175 6.36 0.86 8.25
N LEU A 176 6.28 0.67 9.54
CA LEU A 176 6.15 -0.67 10.08
C LEU A 176 4.82 -1.31 9.70
N LEU A 177 3.75 -0.53 9.69
CA LEU A 177 2.46 -1.09 9.27
C LEU A 177 2.47 -1.47 7.81
N MET A 178 3.09 -0.62 6.98
CA MET A 178 3.22 -0.97 5.56
C MET A 178 3.94 -2.28 5.35
N ALA A 179 5.04 -2.41 6.08
CA ALA A 179 5.88 -3.65 6.07
C ALA A 179 5.10 -4.89 6.55
N ILE A 180 4.33 -4.72 7.61
CA ILE A 180 3.54 -5.79 8.21
C ILE A 180 2.48 -6.22 7.23
N CYS A 181 1.93 -5.23 6.55
CA CYS A 181 0.92 -5.49 5.53
C CYS A 181 1.46 -6.39 4.39
N ILE A 182 2.65 -6.04 3.89
CA ILE A 182 3.31 -6.80 2.84
C ILE A 182 3.63 -8.26 3.25
N VAL A 183 4.34 -8.38 4.35
CA VAL A 183 4.78 -9.68 4.80
C VAL A 183 3.74 -10.41 5.67
N SER A 184 2.64 -10.84 5.07
CA SER A 184 1.62 -11.59 5.79
C SER A 184 1.62 -13.03 5.35
N PRO A 185 1.68 -13.97 6.32
CA PRO A 185 1.70 -15.42 6.01
C PRO A 185 0.39 -15.91 5.39
N ASP A 186 -0.70 -15.17 5.58
CA ASP A 186 -2.07 -15.61 5.20
C ASP A 186 -2.52 -15.15 3.83
N ARG A 187 -1.60 -14.68 3.04
CA ARG A 187 -1.87 -14.43 1.64
C ARG A 187 -1.85 -15.72 0.82
N PRO A 188 -2.82 -15.89 -0.10
CA PRO A 188 -2.92 -17.06 -0.97
C PRO A 188 -1.68 -17.28 -1.86
N GLY A 189 -1.23 -18.53 -1.95
CA GLY A 189 -0.07 -18.89 -2.76
C GLY A 189 1.24 -18.96 -2.01
N VAL A 190 1.33 -18.40 -0.78
CA VAL A 190 2.57 -18.41 -0.01
C VAL A 190 2.99 -19.86 0.27
N GLN A 191 4.20 -20.26 -0.10
N GLN A 191 4.24 -20.18 -0.05
CA GLN A 191 4.68 -21.60 0.14
CA GLN A 191 4.80 -21.52 0.05
C GLN A 191 5.32 -21.66 1.52
C GLN A 191 5.42 -21.67 1.44
N ASP A 192 6.08 -20.64 1.85
N ASP A 192 6.38 -20.82 1.81
CA ASP A 192 6.90 -20.70 3.06
CA ASP A 192 6.89 -20.91 3.18
C ASP A 192 6.30 -19.89 4.21
C ASP A 192 6.26 -19.92 4.13
N ALA A 193 5.12 -20.29 4.65
CA ALA A 193 4.33 -19.41 5.52
C ALA A 193 5.02 -19.21 6.86
N LYS A 194 5.79 -20.18 7.35
CA LYS A 194 6.50 -20.01 8.62
C LYS A 194 7.57 -18.98 8.56
N LEU A 195 8.30 -18.97 7.46
CA LEU A 195 9.35 -17.98 7.30
C LEU A 195 8.76 -16.55 7.20
N VAL A 196 7.67 -16.42 6.45
CA VAL A 196 6.99 -15.15 6.24
C VAL A 196 6.45 -14.71 7.60
N GLU A 197 5.85 -15.64 8.35
CA GLU A 197 5.42 -15.36 9.68
C GLU A 197 6.56 -14.92 10.58
N ALA A 198 7.73 -15.52 10.49
CA ALA A 198 8.81 -15.09 11.36
C ALA A 198 9.18 -13.61 11.13
N ILE A 199 9.26 -13.20 9.87
CA ILE A 199 9.51 -11.76 9.56
C ILE A 199 8.42 -10.82 10.12
N GLN A 200 7.16 -11.14 9.84
CA GLN A 200 6.09 -10.30 10.30
C GLN A 200 6.11 -10.22 11.82
N ASP A 201 6.39 -11.33 12.49
CA ASP A 201 6.43 -11.28 13.97
C ASP A 201 7.52 -10.40 14.50
N ARG A 202 8.68 -10.38 13.84
CA ARG A 202 9.71 -9.43 14.25
C ARG A 202 9.24 -7.98 14.02
N LEU A 203 8.54 -7.73 12.92
CA LEU A 203 8.04 -6.38 12.66
C LEU A 203 6.96 -6.01 13.66
N SER A 204 6.08 -6.97 13.96
CA SER A 204 4.99 -6.76 14.92
C SER A 204 5.49 -6.44 16.31
N ASN A 205 6.47 -7.19 16.78
CA ASN A 205 7.04 -6.96 18.11
C ASN A 205 7.73 -5.61 18.22
N THR A 206 8.39 -5.21 17.16
CA THR A 206 8.99 -3.89 17.03
C THR A 206 7.91 -2.82 17.11
N LEU A 207 6.79 -3.02 16.39
CA LEU A 207 5.69 -2.06 16.40
C LEU A 207 5.12 -1.95 17.84
N GLN A 208 4.91 -3.10 18.46
CA GLN A 208 4.30 -3.13 19.79
C GLN A 208 5.19 -2.40 20.79
N THR A 209 6.50 -2.69 20.71
CA THR A 209 7.49 -2.05 21.55
C THR A 209 7.56 -0.55 21.31
N TYR A 210 7.50 -0.14 20.04
CA TYR A 210 7.49 1.30 19.71
C TYR A 210 6.35 2.02 20.43
N ILE A 211 5.17 1.48 20.26
CA ILE A 211 3.94 2.07 20.84
C ILE A 211 4.07 2.21 22.38
N ARG A 212 4.58 1.15 22.99
CA ARG A 212 4.74 1.04 24.46
C ARG A 212 5.76 2.08 24.99
N CYS A 213 6.80 2.40 24.20
CA CYS A 213 7.73 3.50 24.51
C CYS A 213 7.04 4.87 24.44
N ARG A 214 5.99 5.00 23.62
CA ARG A 214 5.28 6.24 23.48
C ARG A 214 4.07 6.40 24.44
N HIS A 215 3.53 5.30 24.97
CA HIS A 215 2.27 5.35 25.71
C HIS A 215 2.23 4.25 26.73
N PRO A 216 1.83 4.57 27.98
CA PRO A 216 1.62 3.46 28.93
C PRO A 216 0.32 2.70 28.63
N PRO A 217 0.12 1.54 29.25
CA PRO A 217 -1.18 0.91 29.16
C PRO A 217 -2.27 1.72 29.93
N PRO A 218 -3.54 1.64 29.56
CA PRO A 218 -4.05 0.86 28.44
C PRO A 218 -4.06 1.55 27.07
N GLY A 219 -3.56 2.80 26.96
CA GLY A 219 -3.59 3.53 25.68
C GLY A 219 -2.77 2.78 24.63
N SER A 220 -1.64 2.18 25.03
CA SER A 220 -0.82 1.41 24.14
C SER A 220 -1.60 0.27 23.44
N HIS A 221 -2.31 -0.54 24.25
CA HIS A 221 -3.13 -1.66 23.77
C HIS A 221 -4.23 -1.20 22.84
N GLN A 222 -4.88 -0.10 23.21
CA GLN A 222 -5.95 0.47 22.38
C GLN A 222 -5.45 0.95 21.01
N LEU A 223 -4.34 1.67 20.98
CA LEU A 223 -3.76 2.16 19.70
C LEU A 223 -3.32 0.98 18.80
N TYR A 224 -2.69 -0.06 19.36
CA TYR A 224 -2.28 -1.21 18.58
C TYR A 224 -3.52 -1.96 18.00
N ALA A 225 -4.52 -2.18 18.85
CA ALA A 225 -5.78 -2.81 18.45
C ALA A 225 -6.41 -2.04 17.29
N LYS A 226 -6.35 -0.71 17.34
CA LYS A 226 -6.81 0.12 16.17
C LYS A 226 -6.03 -0.07 14.85
N MET A 227 -4.68 -0.13 14.95
CA MET A 227 -3.89 -0.41 13.77
C MET A 227 -4.21 -1.82 13.21
N ILE A 228 -4.32 -2.83 14.08
CA ILE A 228 -4.71 -4.14 13.68
C ILE A 228 -6.07 -4.12 12.92
N GLN A 229 -7.03 -3.41 13.47
CA GLN A 229 -8.33 -3.27 12.81
C GLN A 229 -8.25 -2.59 11.43
N LYS A 230 -7.41 -1.60 11.30
CA LYS A 230 -7.17 -0.95 10.01
C LYS A 230 -6.57 -1.90 8.97
N LEU A 231 -5.63 -2.77 9.37
CA LEU A 231 -5.14 -3.82 8.46
C LEU A 231 -6.25 -4.82 8.02
N ALA A 232 -7.11 -5.24 8.94
CA ALA A 232 -8.29 -6.06 8.58
C ALA A 232 -9.24 -5.37 7.60
N ASP A 233 -9.53 -4.10 7.86
CA ASP A 233 -10.31 -3.21 6.93
C ASP A 233 -9.71 -3.15 5.51
N LEU A 234 -8.40 -2.91 5.44
CA LEU A 234 -7.68 -2.93 4.13
C LEU A 234 -7.85 -4.23 3.37
N ARG A 235 -7.60 -5.31 4.09
CA ARG A 235 -7.83 -6.64 3.60
C ARG A 235 -9.26 -6.88 3.10
N SER A 236 -10.26 -6.44 3.87
CA SER A 236 -11.69 -6.53 3.42
C SER A 236 -11.96 -5.70 2.20
N LEU A 237 -11.30 -4.54 2.08
CA LEU A 237 -11.40 -3.68 0.92
C LEU A 237 -10.78 -4.31 -0.35
N ASN A 238 -9.60 -4.91 -0.19
CA ASN A 238 -8.94 -5.66 -1.23
C ASN A 238 -9.82 -6.81 -1.74
N GLU A 239 -10.30 -7.63 -0.82
CA GLU A 239 -11.18 -8.77 -1.07
C GLU A 239 -12.47 -8.40 -1.73
N GLU A 240 -13.06 -7.25 -1.34
CA GLU A 240 -14.25 -6.71 -2.01
C GLU A 240 -13.98 -6.18 -3.43
N HIS A 241 -12.91 -5.44 -3.63
N HIS A 241 -12.89 -5.45 -3.59
CA HIS A 241 -12.62 -5.03 -5.01
CA HIS A 241 -12.50 -4.96 -4.91
C HIS A 241 -12.21 -6.22 -5.88
C HIS A 241 -12.11 -6.11 -5.87
N SER A 242 -11.41 -7.13 -5.36
CA SER A 242 -10.95 -8.26 -6.16
C SER A 242 -12.10 -9.24 -6.41
N LYS A 243 -12.98 -9.41 -5.43
CA LYS A 243 -14.24 -10.12 -5.72
C LYS A 243 -14.94 -9.48 -6.90
N GLN A 244 -15.21 -8.18 -6.84
CA GLN A 244 -15.79 -7.51 -8.00
C GLN A 244 -14.93 -7.84 -9.24
N TYR A 245 -13.69 -7.42 -9.18
CA TYR A 245 -12.75 -7.60 -10.27
C TYR A 245 -12.77 -9.02 -10.89
N ARG A 246 -12.32 -10.03 -10.11
CA ARG A 246 -12.38 -11.43 -10.57
C ARG A 246 -13.78 -11.73 -11.20
N SER A 247 -14.85 -11.07 -10.75
CA SER A 247 -16.21 -11.26 -11.33
C SER A 247 -16.59 -10.19 -12.34
N LEU A 248 -15.61 -9.87 -13.20
CA LEU A 248 -15.83 -9.00 -14.34
C LEU A 248 -15.44 -9.73 -15.64
N SER A 249 -16.18 -9.44 -16.71
CA SER A 249 -15.69 -9.72 -18.05
C SER A 249 -14.78 -8.56 -18.56
N PRO A 252 -11.98 -4.72 -23.16
CA PRO A 252 -10.64 -4.45 -23.74
C PRO A 252 -10.38 -2.97 -23.78
N GLU A 253 -11.43 -2.19 -23.99
CA GLU A 253 -11.24 -0.74 -24.19
C GLU A 253 -10.62 -0.03 -22.99
N ASN A 254 -10.90 -0.54 -21.79
CA ASN A 254 -10.26 -0.06 -20.57
C ASN A 254 -8.93 -0.75 -20.26
N SER A 255 -8.87 -2.06 -20.47
CA SER A 255 -7.66 -2.79 -20.30
C SER A 255 -6.47 -2.25 -21.13
N MET A 256 -6.80 -1.78 -22.34
CA MET A 256 -5.91 -1.06 -23.26
C MET A 256 -5.22 0.17 -22.69
N LYS A 257 -5.88 0.80 -21.72
CA LYS A 257 -5.41 2.05 -21.09
C LYS A 257 -4.57 1.79 -19.85
N LEU A 258 -4.48 0.53 -19.41
CA LEU A 258 -3.66 0.18 -18.26
C LEU A 258 -2.19 0.02 -18.70
N THR A 259 -1.30 -0.17 -17.73
CA THR A 259 0.06 -0.31 -18.06
C THR A 259 0.35 -1.78 -18.00
N PRO A 260 1.48 -2.20 -18.65
CA PRO A 260 1.89 -3.59 -18.63
C PRO A 260 2.11 -4.12 -17.20
N LEU A 261 2.70 -3.32 -16.32
CA LEU A 261 2.93 -3.74 -14.94
C LEU A 261 1.60 -3.85 -14.16
N VAL A 262 0.71 -2.91 -14.38
CA VAL A 262 -0.61 -3.05 -13.73
C VAL A 262 -1.36 -4.34 -14.20
N LEU A 263 -1.30 -4.65 -15.49
CA LEU A 263 -1.92 -5.82 -16.07
C LEU A 263 -1.39 -7.10 -15.45
N GLU A 264 -0.07 -7.17 -15.37
CA GLU A 264 0.62 -8.28 -14.69
C GLU A 264 0.28 -8.43 -13.21
N VAL A 265 0.37 -7.35 -12.46
CA VAL A 265 0.14 -7.43 -11.03
C VAL A 265 -1.36 -7.75 -10.72
N PHE A 266 -2.26 -7.04 -11.39
CA PHE A 266 -3.69 -7.17 -11.12
C PHE A 266 -4.29 -8.34 -11.90
N GLY A 267 -3.47 -9.03 -12.69
CA GLY A 267 -3.89 -10.29 -13.32
C GLY A 267 -4.43 -10.02 -14.73
N GLU B 2 5.72 -16.52 -15.86
CA GLU B 2 4.40 -15.85 -15.95
C GLU B 2 4.55 -14.36 -15.60
N ASN B 3 5.02 -14.08 -14.38
CA ASN B 3 5.14 -12.72 -13.88
C ASN B 3 6.52 -12.15 -14.18
N ALA B 4 6.85 -11.98 -15.46
CA ALA B 4 8.19 -11.65 -15.88
C ALA B 4 8.64 -10.26 -15.47
N LEU B 5 7.78 -9.25 -15.65
CA LEU B 5 8.14 -7.86 -15.28
C LEU B 5 8.37 -7.72 -13.78
N LEU B 6 7.46 -8.28 -13.00
CA LEU B 6 7.61 -8.28 -11.57
C LEU B 6 8.91 -9.01 -11.10
N ARG B 7 9.24 -10.10 -11.80
CA ARG B 7 10.41 -10.89 -11.44
C ARG B 7 11.64 -10.11 -11.65
N TYR B 8 11.67 -9.39 -12.78
CA TYR B 8 12.80 -8.56 -13.11
C TYR B 8 12.92 -7.44 -12.09
N LEU B 9 11.80 -6.81 -11.77
CA LEU B 9 11.81 -5.70 -10.83
C LEU B 9 12.30 -6.13 -9.42
N LEU B 10 12.05 -7.38 -9.08
CA LEU B 10 12.49 -7.94 -7.79
C LEU B 10 13.94 -8.34 -7.79
N ASP B 11 14.44 -8.83 -8.93
CA ASP B 11 15.88 -9.24 -9.08
C ASP B 11 16.87 -8.09 -9.19
N LYS B 12 16.50 -7.05 -9.92
CA LYS B 12 17.33 -5.86 -9.93
C LYS B 12 17.39 -5.21 -8.54
#